data_7UWT
#
_entry.id   7UWT
#
_cell.length_a   68.430
_cell.length_b   137.360
_cell.length_c   107.040
_cell.angle_alpha   90.00
_cell.angle_beta   90.00
_cell.angle_gamma   90.00
#
_symmetry.space_group_name_H-M   'C 2 2 21'
#
loop_
_entity.id
_entity.type
_entity.pdbx_description
1 polymer 'Dihydropteridine reductase'
2 non-polymer 'FLAVIN MONONUCLEOTIDE'
3 non-polymer 'ACETATE ION'
4 non-polymer 'polyethylene glycol'
5 water water
#
_entity_poly.entity_id   1
_entity_poly.type   'polypeptide(L)'
_entity_poly.pdbx_seq_one_letter_code
;MTIVQAAQSRYSTKAFDASRKLPEEKVAAVKELIRMSASSVNSQPWHFIVASSEEGKARIAKATQGGFAANERKILDASH
VVVFCAKTAIDEAYLLDLLESEDKDGRYADVEAKNGMHAGRSFFVNMHRFDLKDAHHWMEKQVYLNVGTLLLGASAMEID
AVPIEGFDAKVLDEEFGLREKGFTSVVIVPLGYHSEDDFNAKLPKSRWSAETVFTEI
;
_entity_poly.pdbx_strand_id   A,B
#
loop_
_chem_comp.id
_chem_comp.type
_chem_comp.name
_chem_comp.formula
ACT non-polymer 'ACETATE ION' 'C2 H3 O2 -1'
FMN non-polymer 'FLAVIN MONONUCLEOTIDE' 'C17 H21 N4 O9 P'
P4K non-polymer 'polyethylene glycol' 'C30 H62 O15'
#
# COMPACT_ATOMS: atom_id res chain seq x y z
N MET A 1 -15.49 5.54 -14.23
CA MET A 1 -16.81 5.24 -13.50
C MET A 1 -16.75 5.99 -12.17
N THR A 2 -17.74 6.81 -11.82
CA THR A 2 -17.75 7.56 -10.52
C THR A 2 -18.05 6.58 -9.39
N ILE A 3 -17.80 6.96 -8.13
CA ILE A 3 -18.20 6.07 -6.98
C ILE A 3 -19.72 5.95 -6.95
N VAL A 4 -20.48 7.00 -7.28
CA VAL A 4 -21.96 6.86 -7.37
C VAL A 4 -22.30 5.81 -8.44
N GLN A 5 -21.68 5.85 -9.60
CA GLN A 5 -21.98 4.81 -10.65
C GLN A 5 -21.58 3.44 -10.08
N ALA A 6 -20.49 3.33 -9.32
CA ALA A 6 -20.13 2.05 -8.68
C ALA A 6 -21.26 1.58 -7.73
N ALA A 7 -21.90 2.48 -6.97
CA ALA A 7 -22.97 2.11 -6.04
C ALA A 7 -24.22 1.72 -6.84
N GLN A 8 -24.47 2.40 -7.97
CA GLN A 8 -25.67 2.12 -8.79
C GLN A 8 -25.51 0.81 -9.54
N SER A 9 -24.31 0.43 -9.99
CA SER A 9 -24.15 -0.71 -10.93
C SER A 9 -23.86 -2.02 -10.18
N ARG A 10 -23.36 -1.97 -8.95
CA ARG A 10 -23.12 -3.22 -8.18
C ARG A 10 -24.48 -3.86 -7.87
N TYR A 11 -24.48 -5.15 -7.55
CA TYR A 11 -25.73 -5.87 -7.19
C TYR A 11 -25.25 -7.14 -6.47
N SER A 12 -26.15 -7.83 -5.82
CA SER A 12 -25.85 -9.14 -5.21
C SER A 12 -25.86 -10.23 -6.33
N THR A 13 -24.67 -10.67 -6.74
CA THR A 13 -24.45 -11.82 -7.69
C THR A 13 -25.09 -13.08 -7.12
N LYS A 14 -25.98 -13.71 -7.89
CA LYS A 14 -26.60 -14.98 -7.47
C LYS A 14 -25.99 -16.17 -8.19
N ALA A 15 -25.20 -15.96 -9.24
CA ALA A 15 -24.49 -17.07 -9.94
C ALA A 15 -23.16 -16.55 -10.46
N PHE A 16 -22.07 -17.18 -10.05
CA PHE A 16 -20.73 -16.77 -10.52
C PHE A 16 -20.36 -17.64 -11.74
N ASP A 17 -19.47 -17.10 -12.57
CA ASP A 17 -18.84 -17.86 -13.69
C ASP A 17 -17.64 -18.64 -13.14
N ALA A 18 -17.78 -19.95 -13.00
CA ALA A 18 -16.77 -20.80 -12.34
C ALA A 18 -15.48 -20.85 -13.19
N SER A 19 -15.50 -20.42 -14.45
CA SER A 19 -14.28 -20.43 -15.32
C SER A 19 -13.42 -19.19 -15.07
N ARG A 20 -14.00 -18.13 -14.49
CA ARG A 20 -13.34 -16.80 -14.42
C ARG A 20 -12.77 -16.53 -13.04
N LYS A 21 -11.46 -16.34 -12.98
CA LYS A 21 -10.70 -16.10 -11.75
C LYS A 21 -10.24 -14.64 -11.71
N LEU A 22 -10.18 -14.09 -10.52
CA LEU A 22 -9.63 -12.74 -10.29
C LEU A 22 -8.11 -12.73 -10.50
N PRO A 23 -7.59 -11.69 -11.17
CA PRO A 23 -6.15 -11.46 -11.24
C PRO A 23 -5.55 -11.19 -9.86
N GLU A 24 -4.29 -11.58 -9.66
CA GLU A 24 -3.56 -11.47 -8.38
C GLU A 24 -3.62 -10.01 -7.87
N GLU A 25 -3.55 -9.01 -8.78
CA GLU A 25 -3.56 -7.56 -8.43
C GLU A 25 -4.91 -7.21 -7.75
N LYS A 26 -6.02 -7.80 -8.18
CA LYS A 26 -7.37 -7.51 -7.64
C LYS A 26 -7.55 -8.17 -6.28
N VAL A 27 -7.03 -9.38 -6.11
CA VAL A 27 -7.04 -10.06 -4.79
C VAL A 27 -6.19 -9.27 -3.78
N ALA A 28 -4.99 -8.82 -4.15
CA ALA A 28 -4.14 -8.07 -3.20
C ALA A 28 -4.81 -6.72 -2.84
N ALA A 29 -5.52 -6.10 -3.77
CA ALA A 29 -6.22 -4.82 -3.55
C ALA A 29 -7.41 -5.02 -2.57
N VAL A 30 -8.20 -6.08 -2.73
CA VAL A 30 -9.31 -6.44 -1.80
C VAL A 30 -8.75 -6.57 -0.38
N LYS A 31 -7.62 -7.28 -0.24
CA LYS A 31 -7.05 -7.56 1.10
C LYS A 31 -6.50 -6.28 1.74
N GLU A 32 -5.86 -5.43 0.96
CA GLU A 32 -5.42 -4.13 1.48
C GLU A 32 -6.65 -3.26 1.86
N LEU A 33 -7.68 -3.18 1.02
CA LEU A 33 -8.90 -2.39 1.32
C LEU A 33 -9.49 -2.77 2.67
N ILE A 34 -9.75 -4.05 2.93
CA ILE A 34 -10.47 -4.42 4.18
C ILE A 34 -9.53 -4.29 5.38
N ARG A 35 -8.21 -4.52 5.26
CA ARG A 35 -7.32 -4.32 6.42
C ARG A 35 -7.33 -2.85 6.85
N MET A 36 -7.60 -1.94 5.93
CA MET A 36 -7.50 -0.48 6.15
C MET A 36 -8.80 0.13 6.72
N SER A 37 -9.87 -0.64 6.87
CA SER A 37 -11.19 -0.13 7.29
C SER A 37 -11.02 0.62 8.61
N ALA A 38 -11.79 1.69 8.75
CA ALA A 38 -12.07 2.38 10.02
C ALA A 38 -12.86 1.42 10.94
N SER A 39 -12.78 1.69 12.23
CA SER A 39 -13.50 0.99 13.31
C SER A 39 -13.47 1.90 14.52
N SER A 40 -14.53 1.84 15.31
CA SER A 40 -14.62 2.58 16.57
C SER A 40 -13.34 2.32 17.39
N VAL A 41 -12.75 3.38 17.93
CA VAL A 41 -11.49 3.39 18.73
C VAL A 41 -10.36 2.59 18.07
N ASN A 42 -10.37 2.46 16.74
CA ASN A 42 -9.40 1.62 15.98
C ASN A 42 -9.35 0.20 16.55
N SER A 43 -10.48 -0.31 17.06
CA SER A 43 -10.59 -1.67 17.64
C SER A 43 -10.26 -2.76 16.64
N GLN A 44 -10.47 -2.54 15.33
CA GLN A 44 -10.16 -3.53 14.27
C GLN A 44 -10.54 -4.93 14.76
N PRO A 45 -11.82 -5.17 15.18
CA PRO A 45 -12.14 -6.39 15.96
C PRO A 45 -12.47 -7.57 15.04
N TRP A 46 -11.57 -7.83 14.11
CA TRP A 46 -11.86 -8.66 12.94
C TRP A 46 -10.71 -9.64 12.65
N HIS A 47 -11.05 -10.68 11.95
CA HIS A 47 -10.11 -11.59 11.27
C HIS A 47 -10.76 -11.99 9.95
N PHE A 48 -9.96 -12.31 8.92
CA PHE A 48 -10.50 -12.59 7.58
C PHE A 48 -9.94 -13.96 7.15
N ILE A 49 -10.82 -14.84 6.71
CA ILE A 49 -10.43 -16.08 6.00
C ILE A 49 -10.59 -15.81 4.50
N VAL A 50 -9.55 -16.04 3.73
CA VAL A 50 -9.62 -15.91 2.26
C VAL A 50 -9.35 -17.29 1.64
N ALA A 51 -10.34 -17.80 0.92
CA ALA A 51 -10.25 -19.08 0.19
C ALA A 51 -10.03 -18.75 -1.27
N SER A 52 -9.01 -19.33 -1.87
CA SER A 52 -8.69 -19.13 -3.30
C SER A 52 -8.67 -20.48 -4.00
N SER A 53 -8.85 -21.58 -3.28
CA SER A 53 -8.69 -22.96 -3.80
C SER A 53 -10.04 -23.68 -3.78
N GLU A 54 -10.19 -24.73 -4.58
CA GLU A 54 -11.41 -25.56 -4.55
C GLU A 54 -11.57 -26.17 -3.14
N GLU A 55 -10.47 -26.54 -2.48
CA GLU A 55 -10.55 -27.20 -1.15
C GLU A 55 -11.06 -26.16 -0.14
N GLY A 56 -10.49 -24.96 -0.16
CA GLY A 56 -10.91 -23.86 0.73
C GLY A 56 -12.39 -23.56 0.58
N LYS A 57 -12.88 -23.43 -0.64
CA LYS A 57 -14.29 -23.09 -0.92
C LYS A 57 -15.18 -24.24 -0.43
N ALA A 58 -14.79 -25.49 -0.68
CA ALA A 58 -15.56 -26.66 -0.22
C ALA A 58 -15.69 -26.64 1.31
N ARG A 59 -14.64 -26.25 2.04
CA ARG A 59 -14.65 -26.15 3.52
C ARG A 59 -15.65 -25.09 3.99
N ILE A 60 -15.64 -23.91 3.36
CA ILE A 60 -16.62 -22.84 3.69
C ILE A 60 -18.04 -23.31 3.37
N ALA A 61 -18.25 -24.01 2.23
CA ALA A 61 -19.58 -24.45 1.78
C ALA A 61 -20.20 -25.52 2.70
N LYS A 62 -19.44 -26.13 3.60
CA LYS A 62 -20.01 -27.00 4.68
C LYS A 62 -21.02 -26.20 5.51
N ALA A 63 -20.83 -24.89 5.61
CA ALA A 63 -21.74 -24.02 6.40
C ALA A 63 -22.97 -23.58 5.57
N THR A 64 -23.11 -24.00 4.31
CA THR A 64 -24.30 -23.64 3.47
C THR A 64 -24.97 -24.94 3.01
N GLN A 65 -25.33 -25.78 3.97
CA GLN A 65 -26.05 -27.05 3.67
C GLN A 65 -27.47 -26.91 4.25
N GLY A 66 -28.34 -27.87 3.94
CA GLY A 66 -29.74 -27.91 4.42
C GLY A 66 -30.51 -26.66 4.01
N GLY A 67 -31.05 -25.96 5.00
CA GLY A 67 -31.87 -24.74 4.75
C GLY A 67 -31.05 -23.60 4.12
N PHE A 68 -29.72 -23.66 4.14
CA PHE A 68 -28.85 -22.57 3.59
C PHE A 68 -28.28 -22.98 2.21
N ALA A 69 -28.72 -24.09 1.63
CA ALA A 69 -28.14 -24.65 0.39
C ALA A 69 -28.26 -23.68 -0.79
N ALA A 70 -29.22 -22.74 -0.76
CA ALA A 70 -29.36 -21.69 -1.80
C ALA A 70 -28.10 -20.85 -1.92
N ASN A 71 -27.23 -20.84 -0.92
CA ASN A 71 -25.98 -20.05 -0.98
C ASN A 71 -24.76 -20.88 -1.36
N GLU A 72 -24.88 -22.22 -1.45
CA GLU A 72 -23.71 -23.12 -1.65
C GLU A 72 -22.97 -22.80 -2.95
N ARG A 73 -23.68 -22.71 -4.09
CA ARG A 73 -23.04 -22.52 -5.43
C ARG A 73 -22.41 -21.12 -5.51
N LYS A 74 -22.92 -20.12 -4.80
CA LYS A 74 -22.27 -18.77 -4.78
C LYS A 74 -20.85 -18.93 -4.23
N ILE A 75 -20.70 -19.76 -3.18
CA ILE A 75 -19.37 -19.98 -2.57
C ILE A 75 -18.52 -20.82 -3.52
N LEU A 76 -19.07 -21.91 -4.04
CA LEU A 76 -18.28 -22.94 -4.81
C LEU A 76 -17.79 -22.38 -6.15
N ASP A 77 -18.59 -21.54 -6.78
CA ASP A 77 -18.31 -21.09 -8.18
C ASP A 77 -17.56 -19.76 -8.19
N ALA A 78 -17.50 -19.02 -7.08
CA ALA A 78 -16.76 -17.75 -6.99
C ALA A 78 -15.28 -18.02 -7.20
N SER A 79 -14.54 -16.98 -7.54
CA SER A 79 -13.07 -17.02 -7.69
C SER A 79 -12.43 -17.10 -6.30
N HIS A 80 -12.79 -16.16 -5.43
CA HIS A 80 -12.22 -16.00 -4.08
C HIS A 80 -13.35 -15.75 -3.10
N VAL A 81 -13.22 -16.25 -1.89
CA VAL A 81 -14.27 -16.03 -0.86
C VAL A 81 -13.61 -15.47 0.39
N VAL A 82 -14.15 -14.36 0.90
CA VAL A 82 -13.71 -13.71 2.16
C VAL A 82 -14.76 -14.03 3.23
N VAL A 83 -14.32 -14.64 4.32
CA VAL A 83 -15.16 -14.80 5.53
C VAL A 83 -14.73 -13.69 6.49
N PHE A 84 -15.66 -12.81 6.81
CA PHE A 84 -15.48 -11.77 7.84
C PHE A 84 -15.87 -12.38 9.20
N CYS A 85 -14.92 -12.31 10.13
CA CYS A 85 -15.05 -12.83 11.50
C CYS A 85 -14.90 -11.65 12.46
N ALA A 86 -15.68 -11.68 13.53
CA ALA A 86 -15.62 -10.70 14.61
C ALA A 86 -15.00 -11.35 15.83
N LYS A 87 -14.33 -10.55 16.66
CA LYS A 87 -13.93 -10.96 18.03
C LYS A 87 -15.15 -11.36 18.86
N THR A 88 -15.03 -12.40 19.67
CA THR A 88 -16.13 -12.84 20.56
C THR A 88 -16.09 -12.07 21.89
N ALA A 89 -14.94 -11.51 22.25
CA ALA A 89 -14.78 -10.73 23.49
C ALA A 89 -13.57 -9.81 23.34
N ILE A 90 -13.48 -8.86 24.24
CA ILE A 90 -12.40 -7.84 24.18
C ILE A 90 -11.98 -7.60 25.62
N ASP A 91 -10.68 -7.50 25.82
CA ASP A 91 -10.12 -7.26 27.18
C ASP A 91 -8.92 -6.30 27.13
N GLU A 92 -8.38 -6.05 28.31
CA GLU A 92 -7.25 -5.11 28.48
C GLU A 92 -6.04 -5.60 27.70
N ALA A 93 -5.75 -6.91 27.65
CA ALA A 93 -4.54 -7.40 26.93
C ALA A 93 -4.66 -7.05 25.43
N TYR A 94 -5.83 -7.23 24.84
CA TYR A 94 -6.01 -6.88 23.41
C TYR A 94 -5.80 -5.36 23.25
N LEU A 95 -6.35 -4.57 24.19
CA LEU A 95 -6.21 -3.10 24.13
C LEU A 95 -4.74 -2.69 24.26
N LEU A 96 -3.95 -3.39 25.08
CA LEU A 96 -2.50 -3.06 25.25
C LEU A 96 -1.72 -3.45 23.99
N ASP A 97 -2.09 -4.53 23.31
CA ASP A 97 -1.45 -4.99 22.06
C ASP A 97 -1.77 -3.97 20.96
N LEU A 98 -3.01 -3.51 20.93
CA LEU A 98 -3.43 -2.48 19.95
C LEU A 98 -2.64 -1.20 20.20
N LEU A 99 -2.55 -0.74 21.46
CA LEU A 99 -1.83 0.52 21.82
C LEU A 99 -0.35 0.40 21.41
N GLU A 100 0.28 -0.75 21.64
CA GLU A 100 1.67 -1.02 21.20
C GLU A 100 1.82 -0.99 19.68
N SER A 101 0.89 -1.57 18.92
CA SER A 101 0.98 -1.50 17.44
C SER A 101 0.86 -0.03 17.00
N GLU A 102 0.02 0.77 17.64
CA GLU A 102 -0.12 2.19 17.23
C GLU A 102 1.15 2.96 17.62
N ASP A 103 1.72 2.69 18.79
CA ASP A 103 3.00 3.29 19.25
C ASP A 103 4.12 2.99 18.24
N LYS A 104 4.24 1.74 17.82
CA LYS A 104 5.25 1.30 16.81
C LYS A 104 4.97 2.06 15.52
N ASP A 105 3.70 2.33 15.20
CA ASP A 105 3.34 2.99 13.93
C ASP A 105 3.52 4.50 14.01
N GLY A 106 3.89 5.07 15.16
CA GLY A 106 4.24 6.49 15.27
C GLY A 106 3.08 7.40 15.64
N ARG A 107 1.99 6.87 16.19
CA ARG A 107 0.81 7.69 16.53
C ARG A 107 1.00 8.53 17.80
N TYR A 108 1.97 8.24 18.66
CA TYR A 108 2.17 8.92 19.97
C TYR A 108 3.57 9.59 20.04
N ALA A 109 3.59 10.91 20.16
CA ALA A 109 4.79 11.77 20.33
C ALA A 109 5.48 11.46 21.67
N ASP A 110 4.70 11.19 22.73
CA ASP A 110 5.21 11.01 24.11
C ASP A 110 4.30 9.99 24.83
N VAL A 111 4.78 9.46 25.97
CA VAL A 111 4.05 8.47 26.82
C VAL A 111 2.77 9.12 27.33
N GLU A 112 2.74 10.44 27.49
CA GLU A 112 1.52 11.16 27.95
C GLU A 112 0.40 10.87 26.95
N ALA A 113 0.57 11.16 25.65
CA ALA A 113 -0.43 10.95 24.59
C ALA A 113 -0.85 9.47 24.53
N LYS A 114 0.10 8.57 24.72
CA LYS A 114 -0.13 7.11 24.67
C LYS A 114 -1.05 6.72 25.85
N ASN A 115 -0.63 7.06 27.07
CA ASN A 115 -1.39 6.77 28.31
C ASN A 115 -2.79 7.39 28.20
N GLY A 116 -2.90 8.62 27.69
CA GLY A 116 -4.17 9.31 27.49
C GLY A 116 -5.10 8.52 26.59
N MET A 117 -4.57 8.01 25.47
CA MET A 117 -5.36 7.27 24.48
C MET A 117 -5.86 5.97 25.11
N HIS A 118 -4.99 5.26 25.83
CA HIS A 118 -5.34 3.99 26.51
C HIS A 118 -6.51 4.25 27.48
N ALA A 119 -6.41 5.34 28.25
CA ALA A 119 -7.36 5.60 29.36
C ALA A 119 -8.70 5.91 28.72
N GLY A 120 -8.70 6.65 27.61
CA GLY A 120 -9.89 7.03 26.85
C GLY A 120 -10.52 5.81 26.18
N ARG A 121 -9.72 5.02 25.47
CA ARG A 121 -10.23 3.85 24.74
C ARG A 121 -10.77 2.84 25.77
N SER A 122 -10.06 2.66 26.87
CA SER A 122 -10.42 1.73 27.97
C SER A 122 -11.77 2.16 28.56
N PHE A 123 -11.96 3.46 28.83
CA PHE A 123 -13.23 3.94 29.40
C PHE A 123 -14.33 3.49 28.46
N PHE A 124 -14.11 3.71 27.18
CA PHE A 124 -15.15 3.51 26.15
C PHE A 124 -15.46 2.01 25.92
N VAL A 125 -14.43 1.18 25.77
CA VAL A 125 -14.65 -0.28 25.59
C VAL A 125 -15.41 -0.83 26.82
N ASN A 126 -15.05 -0.35 27.99
CA ASN A 126 -15.63 -0.85 29.27
C ASN A 126 -17.11 -0.45 29.37
N MET A 127 -17.48 0.71 28.86
CA MET A 127 -18.90 1.14 28.69
C MET A 127 -19.66 0.07 27.87
N HIS A 128 -19.10 -0.44 26.77
CA HIS A 128 -19.74 -1.52 25.97
C HIS A 128 -19.70 -2.86 26.71
N ARG A 129 -18.61 -3.20 27.38
CA ARG A 129 -18.48 -4.51 28.07
C ARG A 129 -19.51 -4.58 29.22
N PHE A 130 -19.62 -3.51 30.02
CA PHE A 130 -20.19 -3.61 31.39
C PHE A 130 -21.45 -2.76 31.54
N ASP A 131 -21.60 -1.65 30.83
CA ASP A 131 -22.77 -0.76 31.03
C ASP A 131 -23.84 -1.07 30.00
N LEU A 132 -23.53 -1.03 28.72
CA LEU A 132 -24.51 -1.47 27.68
C LEU A 132 -24.52 -2.99 27.58
N LYS A 133 -23.45 -3.66 28.00
CA LYS A 133 -23.37 -5.14 27.93
C LYS A 133 -23.65 -5.62 26.51
N ASP A 134 -23.06 -4.96 25.53
CA ASP A 134 -23.32 -5.28 24.11
C ASP A 134 -22.02 -5.38 23.31
N ALA A 135 -20.90 -5.70 23.95
CA ALA A 135 -19.54 -5.58 23.35
C ALA A 135 -19.47 -6.45 22.09
N HIS A 136 -20.09 -7.63 22.08
CA HIS A 136 -20.00 -8.50 20.87
C HIS A 136 -20.79 -7.85 19.71
N HIS A 137 -21.96 -7.30 19.98
CA HIS A 137 -22.74 -6.58 18.93
C HIS A 137 -22.02 -5.34 18.42
N TRP A 138 -21.41 -4.60 19.31
CA TRP A 138 -20.65 -3.37 18.97
C TRP A 138 -19.46 -3.76 18.07
N MET A 139 -18.74 -4.83 18.39
CA MET A 139 -17.61 -5.28 17.53
C MET A 139 -18.12 -5.77 16.18
N GLU A 140 -19.24 -6.51 16.13
CA GLU A 140 -19.76 -7.04 14.86
C GLU A 140 -20.18 -5.85 14.00
N LYS A 141 -20.69 -4.78 14.60
CA LYS A 141 -21.05 -3.54 13.83
C LYS A 141 -19.84 -2.98 13.08
N GLN A 142 -18.67 -2.99 13.70
CA GLN A 142 -17.42 -2.48 13.05
C GLN A 142 -17.10 -3.41 11.87
N VAL A 143 -17.29 -4.71 12.03
CA VAL A 143 -17.03 -5.70 10.95
C VAL A 143 -18.01 -5.44 9.80
N TYR A 144 -19.29 -5.15 10.05
CA TYR A 144 -20.27 -4.80 8.97
C TYR A 144 -19.85 -3.52 8.24
N LEU A 145 -19.34 -2.55 8.96
CA LEU A 145 -18.83 -1.30 8.33
C LEU A 145 -17.74 -1.71 7.33
N ASN A 146 -16.85 -2.61 7.73
CA ASN A 146 -15.77 -3.13 6.86
C ASN A 146 -16.41 -3.77 5.62
N VAL A 147 -17.34 -4.69 5.79
CA VAL A 147 -18.05 -5.32 4.65
C VAL A 147 -18.57 -4.26 3.66
N GLY A 148 -19.20 -3.20 4.17
CA GLY A 148 -19.65 -2.10 3.29
C GLY A 148 -18.52 -1.57 2.42
N THR A 149 -17.35 -1.38 3.00
CA THR A 149 -16.20 -0.87 2.21
C THR A 149 -15.89 -1.84 1.10
N LEU A 150 -15.95 -3.14 1.40
CA LEU A 150 -15.65 -4.17 0.38
C LEU A 150 -16.73 -4.16 -0.69
N LEU A 151 -18.02 -4.07 -0.37
CA LEU A 151 -19.06 -4.11 -1.41
C LEU A 151 -18.88 -2.93 -2.39
N LEU A 152 -18.59 -1.74 -1.84
CA LEU A 152 -18.45 -0.56 -2.73
C LEU A 152 -17.11 -0.65 -3.47
N GLY A 153 -16.06 -1.04 -2.75
CA GLY A 153 -14.70 -1.15 -3.31
C GLY A 153 -14.66 -2.18 -4.42
N ALA A 154 -15.29 -3.34 -4.24
CA ALA A 154 -15.30 -4.40 -5.26
C ALA A 154 -15.91 -3.83 -6.53
N SER A 155 -17.04 -3.14 -6.37
CA SER A 155 -17.74 -2.57 -7.54
C SER A 155 -16.79 -1.60 -8.25
N ALA A 156 -16.10 -0.73 -7.54
CA ALA A 156 -15.22 0.28 -8.18
C ALA A 156 -14.08 -0.44 -8.93
N MET A 157 -13.65 -1.62 -8.45
CA MET A 157 -12.58 -2.45 -9.08
C MET A 157 -13.16 -3.38 -10.15
N GLU A 158 -14.46 -3.28 -10.47
CA GLU A 158 -15.15 -4.12 -11.51
C GLU A 158 -15.07 -5.61 -11.15
N ILE A 159 -15.37 -5.91 -9.90
CA ILE A 159 -15.41 -7.29 -9.32
C ILE A 159 -16.85 -7.49 -8.87
N ASP A 160 -17.46 -8.62 -9.21
CA ASP A 160 -18.78 -9.03 -8.70
C ASP A 160 -18.64 -9.64 -7.30
N ALA A 161 -19.63 -9.41 -6.46
CA ALA A 161 -19.62 -9.87 -5.05
C ALA A 161 -21.04 -10.17 -4.63
N VAL A 162 -21.18 -10.93 -3.55
CA VAL A 162 -22.49 -11.02 -2.85
C VAL A 162 -22.19 -11.17 -1.38
N PRO A 163 -22.83 -10.35 -0.53
CA PRO A 163 -22.74 -10.54 0.92
C PRO A 163 -23.73 -11.64 1.33
N ILE A 164 -23.33 -12.50 2.26
CA ILE A 164 -24.09 -13.71 2.64
C ILE A 164 -24.16 -13.78 4.17
N GLU A 165 -25.38 -13.73 4.71
CA GLU A 165 -25.70 -14.01 6.15
C GLU A 165 -26.27 -15.43 6.29
N GLY A 166 -26.73 -16.01 5.18
CA GLY A 166 -27.45 -17.29 5.18
C GLY A 166 -26.50 -18.46 5.21
N PHE A 167 -25.89 -18.68 6.38
CA PHE A 167 -24.94 -19.78 6.60
C PHE A 167 -24.97 -20.14 8.06
N ASP A 168 -24.48 -21.33 8.37
CA ASP A 168 -24.46 -21.85 9.74
C ASP A 168 -23.12 -21.49 10.36
N ALA A 169 -23.10 -20.51 11.25
CA ALA A 169 -21.86 -19.92 11.79
C ALA A 169 -21.23 -20.92 12.76
N LYS A 170 -22.00 -21.82 13.39
CA LYS A 170 -21.38 -22.84 14.26
C LYS A 170 -20.52 -23.76 13.39
N VAL A 171 -21.04 -24.22 12.27
CA VAL A 171 -20.33 -25.14 11.36
C VAL A 171 -19.09 -24.41 10.83
N LEU A 172 -19.24 -23.16 10.37
CA LEU A 172 -18.07 -22.42 9.83
C LEU A 172 -17.04 -22.17 10.94
N ASP A 173 -17.48 -21.77 12.11
CA ASP A 173 -16.55 -21.54 13.24
C ASP A 173 -15.78 -22.82 13.55
N GLU A 174 -16.47 -23.96 13.65
CA GLU A 174 -15.78 -25.22 13.95
C GLU A 174 -14.82 -25.61 12.83
N GLU A 175 -15.16 -25.32 11.58
CA GLU A 175 -14.33 -25.68 10.40
C GLU A 175 -12.95 -25.02 10.53
N PHE A 176 -12.84 -23.83 11.11
CA PHE A 176 -11.56 -23.08 11.13
C PHE A 176 -11.08 -22.87 12.57
N GLY A 177 -11.66 -23.55 13.55
CA GLY A 177 -11.28 -23.43 14.97
C GLY A 177 -11.40 -21.99 15.47
N LEU A 178 -12.37 -21.21 14.99
CA LEU A 178 -12.40 -19.74 15.28
C LEU A 178 -12.75 -19.48 16.75
N ARG A 179 -13.72 -20.16 17.33
CA ARG A 179 -14.16 -19.83 18.71
C ARG A 179 -13.03 -20.05 19.70
N GLU A 180 -12.20 -21.09 19.52
CA GLU A 180 -11.08 -21.29 20.46
C GLU A 180 -10.03 -20.19 20.22
N LYS A 181 -10.03 -19.49 19.08
CA LYS A 181 -9.09 -18.36 18.82
C LYS A 181 -9.73 -16.99 19.15
N GLY A 182 -10.94 -16.94 19.67
CA GLY A 182 -11.66 -15.72 20.04
C GLY A 182 -12.36 -15.03 18.88
N PHE A 183 -12.75 -15.75 17.82
CA PHE A 183 -13.46 -15.15 16.65
C PHE A 183 -14.70 -15.96 16.31
N THR A 184 -15.60 -15.33 15.57
CA THR A 184 -16.83 -15.97 15.07
C THR A 184 -17.15 -15.38 13.70
N SER A 185 -17.54 -16.22 12.77
CA SER A 185 -17.91 -15.81 11.40
C SER A 185 -19.25 -15.06 11.38
N VAL A 186 -19.31 -13.91 10.68
CA VAL A 186 -20.55 -13.08 10.62
C VAL A 186 -21.04 -12.88 9.19
N VAL A 187 -20.15 -12.73 8.22
CA VAL A 187 -20.56 -12.48 6.81
C VAL A 187 -19.58 -13.19 5.91
N ILE A 188 -20.11 -13.87 4.89
CA ILE A 188 -19.34 -14.49 3.80
C ILE A 188 -19.48 -13.60 2.56
N VAL A 189 -18.37 -13.25 1.92
CA VAL A 189 -18.44 -12.48 0.64
C VAL A 189 -17.62 -13.18 -0.44
N PRO A 190 -18.31 -13.99 -1.29
CA PRO A 190 -17.71 -14.50 -2.52
C PRO A 190 -17.50 -13.38 -3.56
N LEU A 191 -16.41 -13.51 -4.31
CA LEU A 191 -15.91 -12.49 -5.23
C LEU A 191 -15.58 -13.20 -6.55
N GLY A 192 -15.84 -12.53 -7.67
CA GLY A 192 -15.43 -13.04 -8.99
C GLY A 192 -16.17 -12.30 -10.07
N TYR A 193 -16.77 -13.02 -11.03
CA TYR A 193 -17.47 -12.47 -12.22
C TYR A 193 -18.76 -13.24 -12.36
N HIS A 194 -19.85 -12.51 -12.54
CA HIS A 194 -21.18 -13.15 -12.59
C HIS A 194 -21.29 -13.95 -13.89
N SER A 195 -22.06 -15.02 -13.86
CA SER A 195 -22.38 -15.80 -15.07
C SER A 195 -23.52 -15.10 -15.80
N GLU A 196 -23.54 -15.25 -17.11
CA GLU A 196 -24.52 -14.63 -18.02
C GLU A 196 -25.93 -15.03 -17.60
N ASP A 197 -26.08 -16.18 -16.97
CA ASP A 197 -27.38 -16.76 -16.54
C ASP A 197 -27.73 -16.28 -15.12
N ASP A 198 -27.01 -15.29 -14.56
CA ASP A 198 -27.39 -14.77 -13.22
C ASP A 198 -28.70 -13.99 -13.37
N PHE A 199 -29.81 -14.52 -12.91
CA PHE A 199 -31.14 -13.85 -13.06
C PHE A 199 -31.07 -12.43 -12.47
N ASN A 200 -30.31 -12.22 -11.38
CA ASN A 200 -30.37 -10.95 -10.63
C ASN A 200 -29.59 -9.86 -11.36
N ALA A 201 -28.73 -10.25 -12.30
CA ALA A 201 -27.97 -9.28 -13.15
C ALA A 201 -28.94 -8.58 -14.12
N LYS A 202 -30.14 -9.10 -14.30
CA LYS A 202 -31.13 -8.54 -15.25
C LYS A 202 -32.35 -7.96 -14.52
N LEU A 203 -32.29 -7.80 -13.19
CA LEU A 203 -33.38 -7.17 -12.41
C LEU A 203 -32.93 -5.76 -12.03
N PRO A 204 -33.88 -4.80 -11.96
CA PRO A 204 -33.57 -3.45 -11.50
C PRO A 204 -33.28 -3.43 -9.99
N LYS A 205 -32.42 -2.50 -9.57
CA LYS A 205 -32.14 -2.26 -8.14
C LYS A 205 -33.35 -1.55 -7.56
N SER A 206 -33.80 -1.93 -6.38
CA SER A 206 -34.99 -1.36 -5.72
C SER A 206 -34.60 -0.78 -4.37
N ARG A 207 -34.86 0.50 -4.16
CA ARG A 207 -34.58 1.21 -2.89
C ARG A 207 -35.74 2.17 -2.63
N TRP A 208 -35.94 2.51 -1.37
CA TRP A 208 -36.85 3.61 -0.98
C TRP A 208 -36.45 4.86 -1.77
N SER A 209 -37.40 5.74 -2.04
CA SER A 209 -37.15 7.05 -2.68
C SER A 209 -36.37 7.94 -1.70
N ALA A 210 -35.65 8.95 -2.20
CA ALA A 210 -34.96 9.96 -1.35
C ALA A 210 -35.95 10.68 -0.42
N GLU A 211 -37.19 10.94 -0.83
CA GLU A 211 -38.17 11.66 0.02
C GLU A 211 -38.58 10.77 1.21
N THR A 212 -38.54 9.46 1.07
CA THR A 212 -38.82 8.52 2.19
C THR A 212 -37.65 8.51 3.20
N VAL A 213 -36.40 8.48 2.76
CA VAL A 213 -35.29 8.12 3.70
C VAL A 213 -34.54 9.38 4.20
N PHE A 214 -34.77 10.57 3.63
CA PHE A 214 -34.05 11.81 4.02
C PHE A 214 -34.95 12.80 4.76
N THR A 215 -34.41 13.34 5.84
CA THR A 215 -34.91 14.56 6.50
C THR A 215 -33.83 15.64 6.32
N GLU A 216 -34.12 16.76 5.68
CA GLU A 216 -33.16 17.85 5.45
C GLU A 216 -33.37 18.93 6.50
N ILE A 217 -32.31 19.40 7.10
CA ILE A 217 -32.35 20.54 8.05
C ILE A 217 -31.17 21.45 7.69
N MET B 1 18.79 -1.58 15.75
CA MET B 1 17.57 -0.84 15.51
C MET B 1 17.84 0.67 15.61
N THR B 2 19.06 1.12 15.89
CA THR B 2 19.43 2.53 15.75
C THR B 2 19.60 2.86 14.26
N ILE B 3 19.57 4.13 13.91
CA ILE B 3 19.77 4.47 12.46
C ILE B 3 21.22 4.14 12.03
N VAL B 4 22.19 4.21 12.94
CA VAL B 4 23.58 3.75 12.65
C VAL B 4 23.57 2.26 12.33
N GLN B 5 22.77 1.46 13.06
CA GLN B 5 22.71 0.01 12.79
C GLN B 5 22.03 -0.21 11.44
N ALA B 6 21.09 0.65 11.07
CA ALA B 6 20.46 0.55 9.73
C ALA B 6 21.56 0.74 8.68
N ALA B 7 22.50 1.66 8.87
CA ALA B 7 23.58 1.92 7.89
C ALA B 7 24.58 0.76 7.91
N GLN B 8 24.84 0.15 9.08
CA GLN B 8 25.78 -1.02 9.19
C GLN B 8 25.19 -2.31 8.64
N SER B 9 23.88 -2.55 8.77
CA SER B 9 23.22 -3.85 8.53
C SER B 9 22.65 -3.90 7.09
N ARG B 10 22.45 -2.75 6.43
CA ARG B 10 22.08 -2.78 4.99
C ARG B 10 23.27 -3.22 4.16
N TYR B 11 22.99 -3.69 2.95
CA TYR B 11 24.04 -4.08 1.98
C TYR B 11 23.38 -4.11 0.60
N SER B 12 24.18 -4.17 -0.43
CA SER B 12 23.68 -4.24 -1.83
C SER B 12 23.25 -5.70 -2.09
N THR B 13 21.94 -5.93 -2.05
CA THR B 13 21.29 -7.25 -2.25
C THR B 13 21.65 -7.71 -3.67
N LYS B 14 22.13 -8.94 -3.79
CA LYS B 14 22.52 -9.54 -5.10
C LYS B 14 21.52 -10.61 -5.51
N ALA B 15 20.61 -11.03 -4.64
CA ALA B 15 19.57 -12.00 -5.00
C ALA B 15 18.36 -11.79 -4.09
N PHE B 16 17.20 -11.58 -4.68
CA PHE B 16 15.94 -11.40 -3.93
C PHE B 16 15.15 -12.70 -3.93
N ASP B 17 14.32 -12.82 -2.90
CA ASP B 17 13.36 -13.93 -2.75
C ASP B 17 12.09 -13.50 -3.46
N ALA B 18 11.85 -14.03 -4.65
CA ALA B 18 10.68 -13.69 -5.50
C ALA B 18 9.34 -14.09 -4.86
N SER B 19 9.33 -14.84 -3.76
CA SER B 19 8.08 -15.30 -3.09
C SER B 19 7.61 -14.28 -2.04
N ARG B 20 8.39 -13.25 -1.75
CA ARG B 20 8.10 -12.33 -0.62
C ARG B 20 7.86 -10.92 -1.14
N LYS B 21 6.64 -10.44 -0.98
CA LYS B 21 6.23 -9.09 -1.38
C LYS B 21 6.31 -8.17 -0.16
N LEU B 22 6.63 -6.89 -0.38
CA LEU B 22 6.58 -5.86 0.66
C LEU B 22 5.16 -5.75 1.20
N PRO B 23 4.98 -5.64 2.54
CA PRO B 23 3.74 -5.14 3.11
C PRO B 23 3.37 -3.79 2.47
N GLU B 24 2.08 -3.54 2.28
CA GLU B 24 1.63 -2.33 1.53
C GLU B 24 1.93 -1.07 2.35
N GLU B 25 1.99 -1.14 3.67
CA GLU B 25 2.37 0.02 4.53
C GLU B 25 3.83 0.39 4.20
N LYS B 26 4.66 -0.57 3.80
CA LYS B 26 6.10 -0.29 3.53
C LYS B 26 6.25 0.32 2.14
N VAL B 27 5.51 -0.16 1.14
CA VAL B 27 5.41 0.49 -0.21
C VAL B 27 5.00 1.95 -0.04
N ALA B 28 3.94 2.20 0.72
CA ALA B 28 3.45 3.57 0.92
C ALA B 28 4.54 4.38 1.62
N ALA B 29 5.24 3.82 2.61
CA ALA B 29 6.27 4.57 3.36
C ALA B 29 7.42 4.95 2.41
N VAL B 30 7.87 4.02 1.58
CA VAL B 30 8.93 4.30 0.57
C VAL B 30 8.50 5.45 -0.33
N LYS B 31 7.27 5.47 -0.82
CA LYS B 31 6.81 6.53 -1.73
C LYS B 31 6.77 7.88 -0.99
N GLU B 32 6.29 7.91 0.23
CA GLU B 32 6.25 9.15 1.00
C GLU B 32 7.70 9.62 1.27
N LEU B 33 8.57 8.71 1.66
CA LEU B 33 9.99 9.05 1.93
C LEU B 33 10.61 9.77 0.74
N ILE B 34 10.59 9.18 -0.46
CA ILE B 34 11.32 9.77 -1.60
C ILE B 34 10.63 11.04 -2.07
N ARG B 35 9.31 11.18 -1.93
CA ARG B 35 8.61 12.42 -2.30
C ARG B 35 9.02 13.57 -1.37
N MET B 36 9.44 13.27 -0.14
CA MET B 36 9.71 14.28 0.92
C MET B 36 11.19 14.67 0.91
N SER B 37 11.98 14.08 0.02
CA SER B 37 13.44 14.36 0.01
C SER B 37 13.67 15.86 -0.13
N ALA B 38 14.70 16.35 0.57
CA ALA B 38 15.34 17.65 0.31
C ALA B 38 15.92 17.69 -1.10
N SER B 39 16.14 18.91 -1.60
CA SER B 39 16.80 19.15 -2.91
C SER B 39 17.13 20.63 -2.96
N SER B 40 18.23 20.94 -3.59
CA SER B 40 18.69 22.32 -3.78
C SER B 40 17.53 23.17 -4.31
N VAL B 41 17.28 24.31 -3.64
CA VAL B 41 16.20 25.31 -3.88
C VAL B 41 14.83 24.63 -4.02
N ASN B 42 14.63 23.47 -3.40
CA ASN B 42 13.34 22.71 -3.50
C ASN B 42 13.03 22.39 -4.95
N SER B 43 14.08 22.23 -5.77
CA SER B 43 13.99 21.96 -7.23
C SER B 43 13.22 20.65 -7.49
N GLN B 44 13.29 19.67 -6.60
CA GLN B 44 12.60 18.35 -6.71
C GLN B 44 12.62 17.86 -8.17
N PRO B 45 13.80 17.75 -8.79
CA PRO B 45 13.93 17.59 -10.25
C PRO B 45 13.88 16.12 -10.67
N TRP B 46 12.82 15.45 -10.22
CA TRP B 46 12.71 13.98 -10.26
C TRP B 46 11.31 13.54 -10.69
N HIS B 47 11.25 12.29 -11.11
CA HIS B 47 10.01 11.51 -11.35
C HIS B 47 10.37 10.09 -10.96
N PHE B 48 9.41 9.34 -10.43
CA PHE B 48 9.70 7.97 -9.95
C PHE B 48 8.79 7.04 -10.74
N ILE B 49 9.35 5.99 -11.33
CA ILE B 49 8.51 4.86 -11.83
C ILE B 49 8.53 3.80 -10.74
N VAL B 50 7.36 3.27 -10.35
CA VAL B 50 7.34 2.14 -9.38
C VAL B 50 6.65 0.95 -10.03
N ALA B 51 7.40 -0.13 -10.19
CA ALA B 51 6.96 -1.39 -10.82
C ALA B 51 6.64 -2.38 -9.71
N SER B 52 5.47 -3.02 -9.75
CA SER B 52 5.15 -4.16 -8.83
C SER B 52 4.69 -5.38 -9.62
N SER B 53 4.17 -5.20 -10.82
CA SER B 53 3.70 -6.31 -11.68
C SER B 53 4.91 -7.02 -12.28
N GLU B 54 4.75 -8.29 -12.61
CA GLU B 54 5.78 -9.03 -13.40
C GLU B 54 6.01 -8.31 -14.73
N GLU B 55 4.97 -7.80 -15.39
CA GLU B 55 5.07 -7.14 -16.71
C GLU B 55 5.89 -5.83 -16.55
N GLY B 56 5.60 -5.05 -15.51
CA GLY B 56 6.33 -3.79 -15.25
C GLY B 56 7.80 -4.05 -14.99
N LYS B 57 8.12 -5.01 -14.12
CA LYS B 57 9.53 -5.38 -13.82
C LYS B 57 10.21 -5.81 -15.12
N ALA B 58 9.54 -6.64 -15.94
CA ALA B 58 10.12 -7.15 -17.21
C ALA B 58 10.46 -5.98 -18.13
N ARG B 59 9.61 -4.97 -18.20
CA ARG B 59 9.84 -3.78 -19.06
C ARG B 59 11.13 -3.04 -18.64
N ILE B 60 11.31 -2.83 -17.34
CA ILE B 60 12.58 -2.24 -16.77
C ILE B 60 13.76 -3.16 -17.07
N ALA B 61 13.62 -4.49 -16.92
CA ALA B 61 14.74 -5.46 -17.14
C ALA B 61 15.18 -5.53 -18.62
N LYS B 62 14.43 -4.94 -19.56
CA LYS B 62 14.92 -4.75 -20.96
C LYS B 62 16.22 -3.93 -20.95
N ALA B 63 16.43 -3.09 -19.94
CA ALA B 63 17.61 -2.20 -19.86
C ALA B 63 18.81 -2.89 -19.19
N THR B 64 18.69 -4.15 -18.74
CA THR B 64 19.80 -4.85 -18.04
C THR B 64 20.12 -6.12 -18.84
N GLN B 65 20.45 -5.98 -20.11
CA GLN B 65 20.83 -7.11 -20.99
C GLN B 65 22.29 -6.93 -21.34
N GLY B 66 22.91 -7.96 -21.93
CA GLY B 66 24.34 -7.91 -22.32
C GLY B 66 25.25 -7.67 -21.15
N GLY B 67 26.16 -6.69 -21.26
CA GLY B 67 27.11 -6.32 -20.20
C GLY B 67 26.46 -5.92 -18.89
N PHE B 68 25.14 -5.64 -18.86
CA PHE B 68 24.41 -5.25 -17.63
C PHE B 68 23.56 -6.40 -17.08
N ALA B 69 23.68 -7.59 -17.69
CA ALA B 69 22.79 -8.74 -17.40
C ALA B 69 22.91 -9.23 -15.95
N ALA B 70 23.99 -8.96 -15.22
CA ALA B 70 24.08 -9.33 -13.79
C ALA B 70 23.01 -8.60 -12.97
N ASN B 71 22.43 -7.51 -13.50
CA ASN B 71 21.41 -6.75 -12.74
C ASN B 71 20.01 -7.22 -13.05
N GLU B 72 19.82 -8.07 -14.07
CA GLU B 72 18.48 -8.47 -14.51
C GLU B 72 17.71 -9.13 -13.36
N ARG B 73 18.34 -10.10 -12.68
CA ARG B 73 17.67 -10.96 -11.66
C ARG B 73 17.22 -10.09 -10.50
N LYS B 74 17.98 -9.05 -10.20
CA LYS B 74 17.68 -8.16 -9.04
C LYS B 74 16.36 -7.45 -9.33
N ILE B 75 16.17 -7.01 -10.57
CA ILE B 75 14.91 -6.34 -11.00
C ILE B 75 13.75 -7.34 -11.02
N LEU B 76 13.91 -8.49 -11.66
CA LEU B 76 12.77 -9.44 -11.82
C LEU B 76 12.34 -10.04 -10.47
N ASP B 77 13.27 -10.36 -9.57
CA ASP B 77 12.94 -11.12 -8.32
C ASP B 77 12.48 -10.20 -7.19
N ALA B 78 12.75 -8.89 -7.28
CA ALA B 78 12.40 -7.92 -6.21
C ALA B 78 10.87 -7.82 -6.14
N SER B 79 10.36 -7.37 -5.01
CA SER B 79 8.92 -7.09 -4.81
C SER B 79 8.51 -5.83 -5.57
N HIS B 80 9.21 -4.72 -5.37
CA HIS B 80 8.89 -3.41 -5.97
C HIS B 80 10.19 -2.82 -6.53
N VAL B 81 10.13 -2.14 -7.66
CA VAL B 81 11.35 -1.58 -8.28
C VAL B 81 11.09 -0.10 -8.51
N VAL B 82 11.96 0.77 -7.97
CA VAL B 82 11.81 2.23 -8.14
C VAL B 82 12.85 2.67 -9.16
N VAL B 83 12.42 3.26 -10.27
CA VAL B 83 13.32 3.97 -11.20
C VAL B 83 13.28 5.45 -10.85
N PHE B 84 14.43 5.97 -10.43
CA PHE B 84 14.66 7.40 -10.17
C PHE B 84 15.02 8.05 -11.51
N CYS B 85 14.22 9.01 -11.92
CA CYS B 85 14.41 9.81 -13.13
C CYS B 85 14.73 11.27 -12.75
N ALA B 86 15.62 11.88 -13.50
CA ALA B 86 16.01 13.29 -13.37
C ALA B 86 15.41 14.10 -14.51
N LYS B 87 15.05 15.36 -14.26
CA LYS B 87 14.74 16.30 -15.35
C LYS B 87 15.95 16.44 -16.28
N THR B 88 15.69 16.56 -17.58
CA THR B 88 16.74 16.75 -18.59
C THR B 88 17.01 18.24 -18.77
N ALA B 89 16.12 19.11 -18.31
CA ALA B 89 16.31 20.56 -18.47
C ALA B 89 15.42 21.27 -17.45
N ILE B 90 15.69 22.55 -17.20
CA ILE B 90 14.92 23.36 -16.23
C ILE B 90 14.77 24.78 -16.78
N ASP B 91 13.58 25.34 -16.67
CA ASP B 91 13.29 26.67 -17.27
C ASP B 91 12.45 27.47 -16.28
N GLU B 92 12.11 28.72 -16.63
CA GLU B 92 11.38 29.59 -15.67
C GLU B 92 9.96 29.06 -15.46
N ALA B 93 9.33 28.44 -16.45
CA ALA B 93 7.93 27.89 -16.33
C ALA B 93 7.87 26.85 -15.23
N TYR B 94 8.88 26.00 -15.15
CA TYR B 94 8.99 25.00 -14.06
C TYR B 94 9.15 25.72 -12.72
N LEU B 95 10.04 26.73 -12.63
CA LEU B 95 10.28 27.48 -11.36
C LEU B 95 8.99 28.21 -10.95
N LEU B 96 8.19 28.68 -11.91
CA LEU B 96 6.91 29.38 -11.60
C LEU B 96 5.87 28.39 -11.09
N ASP B 97 5.80 27.19 -11.65
CA ASP B 97 4.90 26.12 -11.12
C ASP B 97 5.35 25.69 -9.73
N LEU B 98 6.66 25.59 -9.53
CA LEU B 98 7.19 25.27 -8.19
C LEU B 98 6.73 26.35 -7.21
N LEU B 99 6.96 27.61 -7.56
CA LEU B 99 6.64 28.76 -6.67
C LEU B 99 5.15 28.70 -6.28
N GLU B 100 4.29 28.37 -7.24
CA GLU B 100 2.81 28.31 -7.07
C GLU B 100 2.46 27.16 -6.12
N SER B 101 3.11 26.01 -6.29
CA SER B 101 3.01 24.83 -5.39
C SER B 101 3.34 25.25 -3.95
N GLU B 102 4.44 25.97 -3.75
CA GLU B 102 4.89 26.39 -2.41
C GLU B 102 3.90 27.41 -1.81
N ASP B 103 3.41 28.33 -2.64
CA ASP B 103 2.44 29.37 -2.21
C ASP B 103 1.14 28.69 -1.75
N LYS B 104 0.63 27.73 -2.51
CA LYS B 104 -0.57 26.90 -2.14
C LYS B 104 -0.30 26.18 -0.82
N ASP B 105 0.92 25.72 -0.56
CA ASP B 105 1.26 24.98 0.67
C ASP B 105 1.45 25.95 1.84
N GLY B 106 1.43 27.27 1.62
CA GLY B 106 1.47 28.25 2.72
C GLY B 106 2.90 28.66 3.12
N ARG B 107 3.85 28.60 2.22
CA ARG B 107 5.26 28.95 2.56
C ARG B 107 5.54 30.46 2.52
N TYR B 108 4.66 31.29 1.93
CA TYR B 108 4.93 32.74 1.74
C TYR B 108 3.89 33.52 2.55
N ALA B 109 4.33 34.32 3.51
CA ALA B 109 3.46 35.20 4.33
C ALA B 109 2.73 36.21 3.41
N ASP B 110 3.37 36.63 2.33
CA ASP B 110 2.78 37.59 1.38
C ASP B 110 3.54 37.53 0.07
N VAL B 111 3.13 38.35 -0.89
CA VAL B 111 3.63 38.28 -2.29
C VAL B 111 5.06 38.84 -2.34
N GLU B 112 5.44 39.70 -1.40
CA GLU B 112 6.82 40.22 -1.34
C GLU B 112 7.79 39.04 -1.16
N ALA B 113 7.55 38.19 -0.15
CA ALA B 113 8.38 37.01 0.18
C ALA B 113 8.38 36.05 -1.03
N LYS B 114 7.23 35.82 -1.64
CA LYS B 114 7.10 34.90 -2.81
C LYS B 114 7.94 35.45 -3.97
N ASN B 115 7.85 36.74 -4.25
CA ASN B 115 8.61 37.31 -5.39
C ASN B 115 10.10 37.30 -5.08
N GLY B 116 10.48 37.53 -3.81
CA GLY B 116 11.88 37.47 -3.40
C GLY B 116 12.45 36.09 -3.67
N MET B 117 11.73 35.07 -3.24
CA MET B 117 12.17 33.66 -3.38
C MET B 117 12.36 33.37 -4.87
N HIS B 118 11.44 33.82 -5.72
CA HIS B 118 11.51 33.53 -7.17
C HIS B 118 12.77 34.18 -7.75
N ALA B 119 13.06 35.43 -7.36
CA ALA B 119 14.30 36.12 -7.81
C ALA B 119 15.53 35.30 -7.36
N GLY B 120 15.65 34.95 -6.08
CA GLY B 120 16.81 34.23 -5.52
C GLY B 120 16.96 32.85 -6.18
N ARG B 121 15.85 32.13 -6.32
CA ARG B 121 15.93 30.78 -6.94
C ARG B 121 16.33 30.88 -8.41
N SER B 122 15.81 31.85 -9.16
CA SER B 122 16.16 32.02 -10.58
C SER B 122 17.63 32.37 -10.73
N PHE B 123 18.15 33.23 -9.86
CA PHE B 123 19.57 33.67 -9.90
C PHE B 123 20.44 32.42 -9.73
N PHE B 124 20.11 31.59 -8.74
CA PHE B 124 20.86 30.34 -8.45
C PHE B 124 20.75 29.32 -9.60
N VAL B 125 19.55 29.05 -10.08
CA VAL B 125 19.37 28.11 -11.20
C VAL B 125 20.07 28.65 -12.45
N ASN B 126 20.00 29.94 -12.73
CA ASN B 126 20.63 30.49 -13.97
C ASN B 126 22.13 30.30 -13.87
N MET B 127 22.69 30.37 -12.68
CA MET B 127 24.13 30.17 -12.50
C MET B 127 24.47 28.75 -12.98
N HIS B 128 23.63 27.78 -12.64
CA HIS B 128 23.82 26.37 -13.12
C HIS B 128 23.59 26.23 -14.63
N ARG B 129 22.49 26.81 -15.16
CA ARG B 129 22.13 26.66 -16.59
C ARG B 129 23.21 27.30 -17.46
N PHE B 130 23.70 28.48 -17.08
CA PHE B 130 24.43 29.38 -18.01
C PHE B 130 25.88 29.66 -17.61
N ASP B 131 26.25 29.67 -16.32
CA ASP B 131 27.63 30.06 -15.94
C ASP B 131 28.44 28.78 -15.74
N LEU B 132 27.98 27.88 -14.88
CA LEU B 132 28.60 26.55 -14.69
C LEU B 132 28.22 25.61 -15.84
N LYS B 133 27.09 25.83 -16.50
CA LYS B 133 26.59 25.01 -17.65
C LYS B 133 26.53 23.53 -17.23
N ASP B 134 26.01 23.25 -16.05
CA ASP B 134 26.05 21.90 -15.48
C ASP B 134 24.65 21.57 -14.99
N ALA B 135 23.60 22.19 -15.52
CA ALA B 135 22.26 22.06 -14.90
C ALA B 135 21.83 20.60 -14.82
N HIS B 136 22.08 19.80 -15.85
CA HIS B 136 21.63 18.39 -15.83
C HIS B 136 22.38 17.63 -14.73
N HIS B 137 23.68 17.85 -14.57
CA HIS B 137 24.49 17.17 -13.51
C HIS B 137 24.03 17.64 -12.14
N TRP B 138 23.74 18.92 -11.98
CA TRP B 138 23.28 19.50 -10.71
C TRP B 138 21.92 18.89 -10.33
N MET B 139 21.02 18.71 -11.31
CA MET B 139 19.70 18.10 -11.01
C MET B 139 19.90 16.61 -10.67
N GLU B 140 20.75 15.89 -11.40
CA GLU B 140 20.99 14.46 -11.10
C GLU B 140 21.59 14.32 -9.69
N LYS B 141 22.43 15.25 -9.23
CA LYS B 141 22.98 15.22 -7.84
C LYS B 141 21.85 15.23 -6.80
N GLN B 142 20.78 15.98 -7.05
CA GLN B 142 19.67 16.06 -6.08
C GLN B 142 18.97 14.71 -6.10
N VAL B 143 18.90 14.07 -7.28
CA VAL B 143 18.21 12.75 -7.36
C VAL B 143 19.03 11.71 -6.58
N TYR B 144 20.35 11.76 -6.67
CA TYR B 144 21.25 10.85 -5.92
C TYR B 144 21.09 11.07 -4.42
N LEU B 145 20.96 12.31 -4.00
CA LEU B 145 20.72 12.62 -2.56
C LEU B 145 19.45 11.85 -2.15
N ASN B 146 18.42 11.92 -2.99
CA ASN B 146 17.11 11.26 -2.72
C ASN B 146 17.35 9.76 -2.60
N VAL B 147 18.12 9.15 -3.54
CA VAL B 147 18.47 7.72 -3.51
C VAL B 147 19.08 7.37 -2.14
N GLY B 148 19.99 8.19 -1.62
CA GLY B 148 20.61 7.91 -0.32
C GLY B 148 19.55 7.81 0.76
N THR B 149 18.58 8.73 0.77
CA THR B 149 17.46 8.64 1.77
C THR B 149 16.75 7.28 1.63
N LEU B 150 16.51 6.77 0.42
CA LEU B 150 15.82 5.48 0.24
C LEU B 150 16.70 4.34 0.77
N LEU B 151 17.99 4.31 0.45
CA LEU B 151 18.87 3.21 0.89
C LEU B 151 18.88 3.13 2.42
N LEU B 152 18.98 4.29 3.09
CA LEU B 152 19.02 4.30 4.57
C LEU B 152 17.60 4.02 5.10
N GLY B 153 16.58 4.64 4.53
CA GLY B 153 15.19 4.50 4.97
C GLY B 153 14.69 3.07 4.79
N ALA B 154 15.01 2.43 3.66
CA ALA B 154 14.66 1.01 3.42
C ALA B 154 15.29 0.17 4.51
N SER B 155 16.55 0.41 4.86
CA SER B 155 17.21 -0.42 5.88
C SER B 155 16.47 -0.26 7.23
N ALA B 156 16.12 0.98 7.59
CA ALA B 156 15.36 1.32 8.82
C ALA B 156 14.02 0.57 8.86
N MET B 157 13.39 0.32 7.72
CA MET B 157 12.09 -0.40 7.61
C MET B 157 12.31 -1.91 7.43
N GLU B 158 13.55 -2.41 7.53
CA GLU B 158 13.96 -3.84 7.42
C GLU B 158 13.58 -4.40 6.03
N ILE B 159 13.80 -3.59 5.01
CA ILE B 159 13.59 -3.89 3.57
C ILE B 159 15.01 -3.97 2.99
N ASP B 160 15.25 -5.00 2.21
CA ASP B 160 16.49 -5.12 1.41
C ASP B 160 16.31 -4.30 0.14
N ALA B 161 17.44 -3.86 -0.38
CA ALA B 161 17.50 -2.93 -1.53
C ALA B 161 18.84 -3.11 -2.21
N VAL B 162 18.93 -2.63 -3.42
CA VAL B 162 20.25 -2.46 -4.08
C VAL B 162 20.11 -1.29 -5.03
N PRO B 163 21.06 -0.33 -5.02
CA PRO B 163 21.13 0.70 -6.03
C PRO B 163 21.83 0.17 -7.27
N ILE B 164 21.35 0.60 -8.42
CA ILE B 164 21.78 0.06 -9.74
C ILE B 164 22.01 1.22 -10.72
N GLU B 165 23.25 1.40 -11.13
CA GLU B 165 23.67 2.30 -12.25
C GLU B 165 23.90 1.43 -13.50
N GLY B 166 24.10 0.13 -13.33
CA GLY B 166 24.46 -0.81 -14.43
C GLY B 166 23.25 -1.14 -15.29
N PHE B 167 22.75 -0.19 -16.08
CA PHE B 167 21.60 -0.37 -16.98
C PHE B 167 21.74 0.61 -18.15
N ASP B 168 21.09 0.25 -19.23
CA ASP B 168 21.10 1.05 -20.47
C ASP B 168 20.00 2.08 -20.36
N ALA B 169 20.36 3.32 -20.06
CA ALA B 169 19.38 4.41 -19.84
C ALA B 169 18.67 4.72 -21.16
N LYS B 170 19.32 4.52 -22.31
CA LYS B 170 18.67 4.78 -23.62
C LYS B 170 17.49 3.80 -23.79
N VAL B 171 17.70 2.53 -23.45
CA VAL B 171 16.64 1.49 -23.57
C VAL B 171 15.53 1.82 -22.59
N LEU B 172 15.87 2.13 -21.34
CA LEU B 172 14.84 2.37 -20.32
C LEU B 172 14.05 3.61 -20.69
N ASP B 173 14.71 4.70 -21.06
CA ASP B 173 14.04 5.96 -21.47
C ASP B 173 13.03 5.68 -22.61
N GLU B 174 13.45 5.00 -23.67
CA GLU B 174 12.60 4.72 -24.87
C GLU B 174 11.44 3.80 -24.46
N GLU B 175 11.68 2.84 -23.56
CA GLU B 175 10.62 1.91 -23.08
C GLU B 175 9.49 2.67 -22.40
N PHE B 176 9.76 3.78 -21.70
CA PHE B 176 8.76 4.52 -20.89
C PHE B 176 8.47 5.90 -21.49
N GLY B 177 9.06 6.24 -22.65
CA GLY B 177 8.90 7.55 -23.31
C GLY B 177 9.32 8.71 -22.42
N LEU B 178 10.40 8.55 -21.65
CA LEU B 178 10.80 9.55 -20.64
C LEU B 178 11.32 10.83 -21.31
N ARG B 179 12.18 10.70 -22.31
CA ARG B 179 12.91 11.87 -22.87
C ARG B 179 11.91 12.86 -23.48
N GLU B 180 10.83 12.41 -24.11
CA GLU B 180 9.82 13.36 -24.67
C GLU B 180 9.01 14.00 -23.52
N LYS B 181 9.07 13.46 -22.30
CA LYS B 181 8.40 14.08 -21.13
C LYS B 181 9.39 14.93 -20.31
N GLY B 182 10.65 15.02 -20.72
CA GLY B 182 11.65 15.89 -20.06
C GLY B 182 12.34 15.16 -18.90
N PHE B 183 12.43 13.82 -18.94
CA PHE B 183 13.03 12.99 -17.85
C PHE B 183 13.99 11.97 -18.45
N THR B 184 14.93 11.52 -17.63
CA THR B 184 15.90 10.47 -17.99
C THR B 184 16.17 9.62 -16.76
N SER B 185 16.25 8.31 -16.95
CA SER B 185 16.48 7.32 -15.89
C SER B 185 17.94 7.45 -15.40
N VAL B 186 18.18 7.51 -14.09
CA VAL B 186 19.59 7.58 -13.55
C VAL B 186 19.95 6.45 -12.60
N VAL B 187 19.06 6.03 -11.71
CA VAL B 187 19.28 4.90 -10.76
C VAL B 187 18.02 4.03 -10.66
N ILE B 188 18.21 2.73 -10.60
CA ILE B 188 17.14 1.73 -10.35
C ILE B 188 17.36 1.18 -8.96
N VAL B 189 16.32 1.16 -8.15
CA VAL B 189 16.43 0.55 -6.80
C VAL B 189 15.36 -0.53 -6.65
N PRO B 190 15.69 -1.80 -6.89
CA PRO B 190 14.80 -2.89 -6.43
C PRO B 190 14.75 -2.97 -4.89
N LEU B 191 13.58 -3.34 -4.36
CA LEU B 191 13.18 -3.43 -2.94
C LEU B 191 12.53 -4.79 -2.73
N GLY B 192 12.84 -5.44 -1.63
CA GLY B 192 12.23 -6.74 -1.30
C GLY B 192 12.96 -7.38 -0.14
N TYR B 193 13.10 -8.70 -0.17
CA TYR B 193 13.80 -9.47 0.89
C TYR B 193 14.81 -10.36 0.20
N HIS B 194 16.06 -10.43 0.69
CA HIS B 194 17.13 -11.20 0.05
C HIS B 194 16.83 -12.69 0.18
N SER B 195 17.25 -13.47 -0.80
CA SER B 195 17.18 -14.95 -0.68
C SER B 195 18.38 -15.47 0.12
N GLU B 196 18.25 -16.66 0.74
CA GLU B 196 19.31 -17.39 1.51
C GLU B 196 20.58 -17.53 0.66
N ASP B 197 20.44 -17.59 -0.67
CA ASP B 197 21.56 -17.83 -1.62
C ASP B 197 22.25 -16.53 -2.02
N ASP B 198 21.84 -15.38 -1.45
CA ASP B 198 22.58 -14.11 -1.65
C ASP B 198 23.93 -14.17 -0.92
N PHE B 199 25.00 -14.39 -1.66
CA PHE B 199 26.40 -14.46 -1.17
C PHE B 199 26.76 -13.17 -0.40
N ASN B 200 26.27 -12.02 -0.87
CA ASN B 200 26.69 -10.69 -0.37
C ASN B 200 26.10 -10.44 1.01
N ALA B 201 25.01 -11.12 1.35
CA ALA B 201 24.39 -11.02 2.70
C ALA B 201 25.34 -11.55 3.80
N LYS B 202 26.33 -12.34 3.44
CA LYS B 202 27.25 -13.00 4.41
C LYS B 202 28.62 -12.31 4.46
N LEU B 203 28.90 -11.36 3.56
CA LEU B 203 30.26 -10.76 3.42
C LEU B 203 30.31 -9.54 4.32
N PRO B 204 31.50 -9.24 4.91
CA PRO B 204 31.68 -8.06 5.76
C PRO B 204 31.56 -6.80 4.91
N LYS B 205 31.05 -5.73 5.48
CA LYS B 205 31.03 -4.41 4.77
C LYS B 205 32.43 -3.81 4.83
N SER B 206 32.92 -3.30 3.70
CA SER B 206 34.29 -2.75 3.56
C SER B 206 34.22 -1.25 3.29
N ARG B 207 34.89 -0.45 4.12
CA ARG B 207 34.97 1.03 3.91
C ARG B 207 36.37 1.46 4.33
N TRP B 208 36.83 2.59 3.81
CA TRP B 208 38.01 3.29 4.37
C TRP B 208 37.88 3.42 5.89
N SER B 209 39.00 3.35 6.60
CA SER B 209 39.04 3.63 8.05
C SER B 209 38.61 5.09 8.33
N ALA B 210 38.08 5.34 9.53
CA ALA B 210 37.80 6.71 10.02
C ALA B 210 39.02 7.63 9.85
N GLU B 211 40.27 7.15 10.07
CA GLU B 211 41.45 8.04 10.07
C GLU B 211 41.74 8.46 8.63
N THR B 212 41.35 7.69 7.63
CA THR B 212 41.55 8.04 6.19
C THR B 212 40.55 9.12 5.76
N VAL B 213 39.28 9.06 6.18
CA VAL B 213 38.23 9.92 5.57
C VAL B 213 37.87 11.15 6.42
N PHE B 214 38.33 11.27 7.67
CA PHE B 214 38.02 12.41 8.54
C PHE B 214 39.26 13.28 8.79
N THR B 215 39.06 14.59 8.67
CA THR B 215 39.85 15.65 9.32
C THR B 215 38.99 16.33 10.37
N GLU B 216 39.42 16.34 11.65
CA GLU B 216 38.69 16.98 12.76
C GLU B 216 39.35 18.34 13.01
N ILE B 217 38.59 19.44 13.18
CA ILE B 217 39.15 20.81 13.44
C ILE B 217 38.36 21.56 14.54
N1 FMN C . -28.16 -12.42 -0.61
C2 FMN C . -28.29 -13.77 -0.69
O2 FMN C . -28.59 -14.20 -1.85
N3 FMN C . -28.01 -14.64 0.33
C4 FMN C . -27.65 -14.23 1.57
O4 FMN C . -27.43 -14.98 2.55
C4A FMN C . -27.54 -12.78 1.75
N5 FMN C . -27.15 -12.21 2.96
C5A FMN C . -26.88 -10.88 3.00
C6 FMN C . -26.36 -10.30 4.16
C7 FMN C . -26.10 -8.94 4.28
C7M FMN C . -25.57 -8.41 5.59
C8 FMN C . -26.42 -8.08 3.14
C8M FMN C . -26.16 -6.59 3.18
C9 FMN C . -26.92 -8.63 2.00
C9A FMN C . -27.21 -9.99 1.88
N10 FMN C . -27.69 -10.54 0.71
C10 FMN C . -27.82 -11.92 0.59
C1' FMN C . -27.97 -9.68 -0.48
C2' FMN C . -29.20 -8.77 -0.25
O2' FMN C . -30.50 -9.39 -0.44
C3' FMN C . -29.05 -7.50 -1.14
O3' FMN C . -27.87 -6.79 -0.71
C4' FMN C . -30.27 -6.54 -1.14
O4' FMN C . -31.45 -7.19 -1.67
C5' FMN C . -29.96 -5.29 -1.96
O5' FMN C . -29.72 -5.68 -3.35
P FMN C . -28.29 -5.49 -4.05
O1P FMN C . -28.55 -6.24 -5.36
O2P FMN C . -27.20 -6.02 -3.14
O3P FMN C . -28.14 -4.01 -4.36
C ACT D . -30.82 -12.42 2.05
O ACT D . -30.53 -12.74 3.29
OXT ACT D . -31.14 -13.20 1.15
CH3 ACT D . -30.70 -11.04 1.60
N1 FMN E . 25.63 -2.96 -7.29
C2 FMN E . 25.35 -3.75 -8.34
O2 FMN E . 25.43 -4.98 -8.14
N3 FMN E . 25.02 -3.31 -9.58
C4 FMN E . 24.96 -2.03 -9.94
O4 FMN E . 24.65 -1.65 -11.10
C4A FMN E . 25.22 -1.05 -8.89
N5 FMN E . 25.17 0.29 -9.15
C5A FMN E . 25.31 1.12 -8.08
C6 FMN E . 25.06 2.49 -8.23
C7 FMN E . 25.15 3.33 -7.17
C7M FMN E . 24.98 4.80 -7.34
C8 FMN E . 25.52 2.86 -5.87
C8M FMN E . 25.68 3.83 -4.77
C9 FMN E . 25.75 1.51 -5.67
C9A FMN E . 25.62 0.62 -6.74
N10 FMN E . 25.86 -0.73 -6.54
C10 FMN E . 25.59 -1.60 -7.57
C1' FMN E . 26.16 -1.23 -5.19
C2' FMN E . 27.59 -0.89 -4.78
O2' FMN E . 28.64 -1.74 -5.31
C3' FMN E . 27.72 -0.89 -3.24
O3' FMN E . 26.83 0.22 -2.73
C4' FMN E . 29.10 -0.71 -2.66
O4' FMN E . 30.06 -1.74 -2.96
C5' FMN E . 29.10 -0.66 -1.11
O5' FMN E . 28.53 -1.87 -0.55
P FMN E . 27.13 -1.94 0.19
O1P FMN E . 26.92 -3.45 0.23
O2P FMN E . 26.06 -1.28 -0.69
O3P FMN E . 27.25 -1.31 1.55
C ACT F . 29.09 -2.24 -8.57
O ACT F . 28.59 -2.59 -9.64
OXT ACT F . 29.91 -2.93 -7.89
CH3 ACT F . 28.69 -0.88 -8.10
O1 P4K G . 8.98 -13.63 -10.45
C1 P4K G . 9.72 -13.16 -11.54
C2 P4K G . 11.14 -13.55 -11.45
O2 P4K G . 11.51 -14.31 -12.60
C3 P4K G . 12.70 -15.07 -12.40
C4 P4K G . 12.40 -16.19 -11.43
O3 P4K G . 13.54 -17.03 -11.28
C5 P4K G . 13.53 -17.76 -10.06
C6 P4K G . 13.67 -16.81 -8.90
O4 P4K G . 14.55 -17.36 -7.91
C7 P4K G . 15.93 -17.10 -8.18
C8 P4K G . 16.81 -17.69 -7.07
O5 P4K G . 17.15 -16.70 -6.10
C9 P4K G . 16.60 -15.44 -6.44
C10 P4K H . 13.44 -4.38 15.53
O6 P4K H . 14.50 -5.31 15.78
C11 P4K H . 15.68 -5.02 15.03
C12 P4K H . 16.76 -6.03 15.35
O7 P4K H . 17.78 -5.99 14.36
C13 P4K H . 17.62 -6.91 13.27
C14 P4K H . 18.87 -6.94 12.45
O8 P4K H . 19.93 -7.23 13.36
C15 P4K H . 21.22 -6.87 12.91
C16 P4K H . 21.72 -7.96 12.02
C17 P4K H . 24.02 -7.82 12.78
C18 P4K H . 24.20 -6.81 11.68
C19 P4K H . 26.32 -6.90 10.64
C20 P4K H . 26.14 -8.44 10.60
O10 P4K H . 25.54 -6.33 11.71
O9 P4K H . 22.84 -8.62 12.61
C1 P4K I . 31.16 -10.56 9.26
C2 P4K I . 29.84 -10.40 8.54
O2 P4K I . 29.26 -9.12 8.82
C3 P4K I . 27.91 -9.06 8.34
C4 P4K I . 27.57 -7.65 7.95
O3 P4K I . 26.28 -7.57 7.32
C5 P4K I . 26.33 -6.94 6.04
C6 P4K I . 25.27 -7.52 5.19
#